data_4C0K
#
_entry.id   4C0K
#
_cell.length_a   82.240
_cell.length_b   82.240
_cell.length_c   156.441
_cell.angle_alpha   90.00
_cell.angle_beta   90.00
_cell.angle_gamma   120.00
#
_symmetry.space_group_name_H-M   'P 32 2 1'
#
loop_
_entity.id
_entity.type
_entity.pdbx_description
1 polymer 'MITOCHONDRIAL RHO GTPASE'
2 non-polymer L-HOMOSERINE
3 non-polymer 'UNKNOWN ATOM OR ION'
4 non-polymer 'SULFATE ION'
5 non-polymer 'SODIUM ION'
6 non-polymer 'CALCIUM ION'
7 water water
#
_entity_poly.entity_id   1
_entity_poly.type   'polypeptide(L)'
_entity_poly.pdbx_seq_one_letter_code
;MMEEQELTSACKKSLVRIFKICDIDGDNLLNDYELNLFQRRCFNTPLQPQILDEVKAVIQKNVPDGIYNDAVTLKGFLFL
HCLFIQRGRNETTWAVLRRFGYNDQLEMCQEYLRPPLKIPPGSSTELSHRGQQFLIAVFERYDRDGDGALSPEEHKMLFS
TCPAAPWSYSTDIRKSCPINETTGWVTLHGWLCRWTLMTLIDVVKTMEYLAYLGFNVHENDSQLAAIHVTRERRIDLAKR
QSSRSVYKCHVIGPKGSGKTGMCRGFLVEDMHKLIGKEFKTNVVNCINSVQVYGQEKHLILRDIDVRHALDPLQPQEVNC
DVACLVYDSSNPRSFEYVARIYIKYYAESKIPVMIVGTKCDMDERRQDYLMQPSEFCDKYKLLPPHLFSLKTNKKELYTK
LATMAAFPHLRQFGLMTHHHHHH
;
_entity_poly.pdbx_strand_id   A
#
# COMPACT_ATOMS: atom_id res chain seq x y z
N GLU A 6 -10.75 28.01 26.41
CA GLU A 6 -11.10 27.04 27.44
C GLU A 6 -10.74 25.62 27.01
N LEU A 7 -10.35 25.46 25.76
CA LEU A 7 -10.03 24.15 25.22
C LEU A 7 -8.53 23.96 25.01
N THR A 8 -8.00 22.85 25.53
CA THR A 8 -6.58 22.54 25.40
C THR A 8 -6.17 22.39 23.94
N SER A 9 -4.97 22.86 23.62
CA SER A 9 -4.44 22.78 22.27
C SER A 9 -4.26 21.32 21.85
N ALA A 10 -4.00 20.45 22.82
CA ALA A 10 -3.86 19.03 22.56
C ALA A 10 -5.24 18.38 22.41
N CYS A 11 -6.20 18.87 23.18
CA CYS A 11 -7.56 18.34 23.13
C CYS A 11 -8.24 18.74 21.82
N LYS A 12 -7.94 19.94 21.34
CA LYS A 12 -8.49 20.43 20.09
C LYS A 12 -7.96 19.62 18.91
N LYS A 13 -6.67 19.28 18.97
CA LYS A 13 -6.04 18.47 17.94
C LYS A 13 -6.71 17.11 17.84
N SER A 14 -7.10 16.57 18.99
CA SER A 14 -7.77 15.28 19.05
C SER A 14 -9.19 15.35 18.48
N LEU A 15 -9.94 16.36 18.91
CA LEU A 15 -11.32 16.53 18.47
C LEU A 15 -11.42 16.84 16.97
N VAL A 16 -10.38 17.43 16.41
CA VAL A 16 -10.35 17.73 14.98
C VAL A 16 -10.23 16.44 14.17
N ARG A 17 -9.29 15.58 14.57
CA ARG A 17 -9.09 14.30 13.92
C ARG A 17 -10.35 13.44 13.97
N ILE A 18 -11.01 13.45 15.13
CA ILE A 18 -12.24 12.68 15.31
C ILE A 18 -13.36 13.20 14.40
N PHE A 19 -13.36 14.50 14.16
CA PHE A 19 -14.35 15.11 13.27
C PHE A 19 -14.15 14.64 11.83
N LYS A 20 -12.89 14.54 11.42
CA LYS A 20 -12.55 14.13 10.06
C LYS A 20 -12.91 12.66 9.84
N ILE A 21 -12.71 11.85 10.86
CA ILE A 21 -13.05 10.43 10.80
C ILE A 21 -14.56 10.23 10.73
N CYS A 22 -15.28 11.03 11.52
CA CYS A 22 -16.74 10.93 11.58
C CYS A 22 -17.43 11.55 10.36
N ASP A 23 -16.70 12.40 9.64
CA ASP A 23 -17.22 13.00 8.42
C ASP A 23 -17.14 11.98 7.28
N ILE A 24 -18.11 11.07 7.23
CA ILE A 24 -18.08 9.96 6.28
C ILE A 24 -18.43 10.38 4.86
N ASP A 25 -18.94 11.60 4.70
CA ASP A 25 -19.31 12.10 3.39
C ASP A 25 -18.25 13.05 2.84
N GLY A 26 -17.31 13.44 3.69
CA GLY A 26 -16.25 14.36 3.30
C GLY A 26 -16.80 15.72 2.91
N ASP A 27 -17.90 16.11 3.54
CA ASP A 27 -18.56 17.37 3.22
C ASP A 27 -18.43 18.37 4.36
N ASN A 28 -17.46 18.15 5.24
CA ASN A 28 -17.21 19.01 6.39
C ASN A 28 -18.41 19.16 7.32
N LEU A 29 -19.31 18.18 7.28
CA LEU A 29 -20.52 18.21 8.08
C LEU A 29 -20.77 16.86 8.74
N LEU A 30 -21.37 16.89 9.94
CA LEU A 30 -21.78 15.66 10.60
C LEU A 30 -23.29 15.51 10.53
N ASN A 31 -23.78 14.85 9.48
CA ASN A 31 -25.21 14.66 9.30
C ASN A 31 -25.79 13.72 10.35
N ASP A 32 -27.11 13.60 10.36
CA ASP A 32 -27.82 12.82 11.37
C ASP A 32 -27.33 11.38 11.48
N TYR A 33 -27.11 10.74 10.34
CA TYR A 33 -26.72 9.33 10.31
C TYR A 33 -25.46 9.03 11.11
N GLU A 34 -24.35 9.67 10.75
CA GLU A 34 -23.07 9.41 11.41
C GLU A 34 -23.09 9.80 12.89
N LEU A 35 -23.86 10.82 13.23
CA LEU A 35 -24.01 11.21 14.63
C LEU A 35 -24.63 10.10 15.45
N ASN A 36 -25.58 9.38 14.86
CA ASN A 36 -26.22 8.26 15.52
C ASN A 36 -25.34 7.02 15.51
N LEU A 37 -24.61 6.82 14.41
CA LEU A 37 -23.75 5.66 14.24
C LEU A 37 -22.61 5.63 15.27
N PHE A 38 -21.85 6.73 15.32
CA PHE A 38 -20.73 6.81 16.24
C PHE A 38 -21.18 7.03 17.68
N GLN A 39 -22.48 7.26 17.87
CA GLN A 39 -23.05 7.35 19.21
C GLN A 39 -23.05 5.97 19.85
N ARG A 40 -23.32 4.94 19.05
CA ARG A 40 -23.29 3.56 19.54
C ARG A 40 -21.86 3.06 19.64
N ARG A 41 -20.96 3.70 18.89
CA ARG A 41 -19.55 3.33 18.92
C ARG A 41 -18.91 3.75 20.24
N CYS A 42 -19.38 4.85 20.80
CA CYS A 42 -18.77 5.43 22.00
C CYS A 42 -19.60 5.18 23.26
N PHE A 43 -20.90 4.99 23.12
CA PHE A 43 -21.79 4.88 24.27
C PHE A 43 -22.69 3.65 24.23
N ASN A 44 -22.63 2.90 23.14
CA ASN A 44 -23.42 1.68 22.97
C ASN A 44 -24.93 1.93 23.09
N THR A 45 -25.36 3.17 22.84
CA THR A 45 -26.76 3.52 22.88
C THR A 45 -27.11 4.39 21.68
N PRO A 46 -28.33 4.23 21.14
CA PRO A 46 -28.78 5.08 20.04
C PRO A 46 -29.00 6.52 20.49
N LEU A 47 -28.76 7.47 19.60
CA LEU A 47 -28.95 8.88 19.91
C LEU A 47 -30.41 9.27 19.78
N GLN A 48 -31.09 9.44 20.90
CA GLN A 48 -32.51 9.81 20.90
C GLN A 48 -32.72 11.21 20.33
N PRO A 49 -33.71 11.35 19.44
CA PRO A 49 -33.99 12.56 18.65
C PRO A 49 -34.12 13.84 19.49
N GLN A 50 -34.66 13.71 20.70
CA GLN A 50 -34.88 14.88 21.55
C GLN A 50 -33.57 15.57 21.93
N ILE A 51 -32.56 14.78 22.26
CA ILE A 51 -31.26 15.31 22.64
C ILE A 51 -30.57 16.04 21.48
N LEU A 52 -30.65 15.45 20.29
CA LEU A 52 -30.02 16.03 19.11
C LEU A 52 -30.58 17.41 18.79
N ASP A 53 -31.88 17.58 19.04
CA ASP A 53 -32.52 18.88 18.86
C ASP A 53 -32.04 19.86 19.93
N GLU A 54 -31.86 19.36 21.15
CA GLU A 54 -31.36 20.17 22.25
C GLU A 54 -29.90 20.57 22.01
N VAL A 55 -29.16 19.71 21.31
CA VAL A 55 -27.76 19.97 20.99
C VAL A 55 -27.64 21.04 19.90
N LYS A 56 -28.36 20.84 18.80
CA LYS A 56 -28.30 21.76 17.67
C LYS A 56 -28.79 23.16 18.04
N ALA A 57 -29.82 23.22 18.88
CA ALA A 57 -30.39 24.50 19.30
C ALA A 57 -29.38 25.34 20.07
N VAL A 58 -28.63 24.68 20.95
CA VAL A 58 -27.61 25.35 21.76
C VAL A 58 -26.45 25.84 20.89
N ILE A 59 -26.01 24.98 19.97
CA ILE A 59 -24.93 25.34 19.04
C ILE A 59 -25.35 26.51 18.17
N GLN A 60 -26.57 26.43 17.63
CA GLN A 60 -27.11 27.49 16.78
C GLN A 60 -27.22 28.80 17.54
N LYS A 61 -27.55 28.71 18.82
CA LYS A 61 -27.73 29.89 19.67
C LYS A 61 -26.40 30.60 19.95
N ASN A 62 -25.37 29.84 20.28
CA ASN A 62 -24.10 30.40 20.71
C ASN A 62 -23.04 30.53 19.60
N VAL A 63 -23.14 29.69 18.58
CA VAL A 63 -22.10 29.64 17.56
C VAL A 63 -22.62 29.88 16.14
N PRO A 64 -22.13 30.95 15.49
CA PRO A 64 -22.38 31.20 14.07
C PRO A 64 -21.61 30.19 13.22
N ASP A 65 -22.20 29.79 12.09
CA ASP A 65 -21.59 28.81 11.20
C ASP A 65 -21.35 27.47 11.90
N GLY A 66 -22.16 27.19 12.94
CA GLY A 66 -22.04 25.95 13.68
C GLY A 66 -22.99 24.89 13.15
N ILE A 67 -24.12 25.35 12.60
CA ILE A 67 -25.11 24.45 12.01
C ILE A 67 -25.37 24.82 10.55
N TYR A 68 -24.79 24.07 9.63
CA TYR A 68 -24.99 24.29 8.21
C TYR A 68 -25.82 23.17 7.61
N ASN A 69 -26.95 23.53 7.01
CA ASN A 69 -27.88 22.57 6.41
C ASN A 69 -28.33 21.50 7.40
N ASP A 70 -28.75 21.94 8.59
CA ASP A 70 -29.24 21.06 9.64
C ASP A 70 -28.19 20.01 10.05
N ALA A 71 -26.92 20.35 9.88
CA ALA A 71 -25.83 19.45 10.23
C ALA A 71 -24.76 20.17 11.06
N VAL A 72 -24.11 19.42 11.95
CA VAL A 72 -23.10 19.98 12.83
C VAL A 72 -21.77 20.17 12.11
N THR A 73 -21.23 21.37 12.16
CA THR A 73 -19.94 21.68 11.56
C THR A 73 -18.82 21.48 12.58
N LEU A 74 -17.58 21.64 12.13
CA LEU A 74 -16.42 21.49 13.01
C LEU A 74 -16.40 22.58 14.08
N LYS A 75 -16.74 23.80 13.69
CA LYS A 75 -16.74 24.94 14.60
C LYS A 75 -17.77 24.74 15.71
N GLY A 76 -18.86 24.05 15.39
CA GLY A 76 -19.88 23.76 16.36
C GLY A 76 -19.55 22.50 17.16
N PHE A 77 -18.81 21.60 16.55
CA PHE A 77 -18.42 20.35 17.18
C PHE A 77 -17.40 20.60 18.29
N LEU A 78 -16.45 21.49 18.03
CA LEU A 78 -15.44 21.86 19.01
C LEU A 78 -16.08 22.59 20.19
N PHE A 79 -17.06 23.42 19.91
CA PHE A 79 -17.76 24.18 20.94
C PHE A 79 -18.53 23.26 21.89
N LEU A 80 -19.15 22.23 21.32
CA LEU A 80 -19.99 21.32 22.09
C LEU A 80 -19.21 20.57 23.16
N HIS A 81 -18.00 20.16 22.84
CA HIS A 81 -17.15 19.46 23.80
C HIS A 81 -16.43 20.44 24.71
N CYS A 82 -16.25 21.67 24.24
CA CYS A 82 -15.70 22.73 25.07
C CYS A 82 -16.76 23.16 26.07
N LEU A 83 -18.02 22.91 25.73
CA LEU A 83 -19.14 23.19 26.62
C LEU A 83 -19.32 22.05 27.61
N PHE A 84 -18.98 20.83 27.18
CA PHE A 84 -19.11 19.66 28.03
C PHE A 84 -18.14 19.68 29.19
N ILE A 85 -16.94 20.21 28.95
CA ILE A 85 -15.91 20.24 29.98
C ILE A 85 -16.15 21.33 31.01
N GLN A 86 -16.89 22.35 30.63
CA GLN A 86 -17.18 23.46 31.54
C GLN A 86 -18.54 23.31 32.22
N ARG A 87 -19.27 22.27 31.85
CA ARG A 87 -20.54 21.97 32.50
C ARG A 87 -20.42 20.74 33.40
N GLY A 88 -19.19 20.35 33.70
CA GLY A 88 -18.92 19.27 34.64
C GLY A 88 -19.21 17.89 34.10
N ARG A 89 -19.17 17.73 32.79
CA ARG A 89 -19.37 16.43 32.17
C ARG A 89 -18.26 16.09 31.18
N ASN A 90 -17.05 15.91 31.69
CA ASN A 90 -15.90 15.58 30.86
C ASN A 90 -15.89 14.11 30.45
N GLU A 91 -16.62 13.29 31.20
CA GLU A 91 -16.69 11.86 30.91
C GLU A 91 -17.39 11.59 29.59
N THR A 92 -18.22 12.52 29.16
CA THR A 92 -18.88 12.42 27.85
C THR A 92 -17.85 12.61 26.75
N THR A 93 -17.02 13.64 26.90
CA THR A 93 -15.95 13.91 25.95
C THR A 93 -14.87 12.84 26.02
N TRP A 94 -14.54 12.43 27.24
CA TRP A 94 -13.50 11.43 27.45
C TRP A 94 -13.90 10.04 26.94
N ALA A 95 -15.21 9.80 26.82
CA ALA A 95 -15.68 8.53 26.29
C ALA A 95 -15.45 8.47 24.78
N VAL A 96 -15.52 9.63 24.14
CA VAL A 96 -15.28 9.75 22.70
C VAL A 96 -13.78 9.65 22.39
N LEU A 97 -12.98 10.41 23.13
CA LEU A 97 -11.53 10.39 22.95
C LEU A 97 -10.96 9.00 23.17
N ARG A 98 -11.50 8.30 24.16
CA ARG A 98 -11.06 6.96 24.49
C ARG A 98 -11.33 5.98 23.35
N ARG A 99 -12.49 6.12 22.71
CA ARG A 99 -12.90 5.21 21.65
C ARG A 99 -12.07 5.40 20.38
N PHE A 100 -11.60 6.63 20.17
CA PHE A 100 -10.80 6.93 18.98
C PHE A 100 -9.31 6.77 19.24
N GLY A 101 -8.97 6.20 20.39
CA GLY A 101 -7.61 5.77 20.68
C GLY A 101 -6.75 6.70 21.50
N TYR A 102 -7.37 7.60 22.27
CA TYR A 102 -6.61 8.53 23.11
C TYR A 102 -6.61 8.12 24.58
N ASN A 103 -5.50 8.39 25.26
CA ASN A 103 -5.39 8.11 26.68
C ASN A 103 -5.50 9.39 27.53
N ASP A 104 -5.16 9.28 28.80
CA ASP A 104 -5.26 10.41 29.72
C ASP A 104 -4.29 11.54 29.37
N GLN A 105 -3.25 11.21 28.62
CA GLN A 105 -2.25 12.19 28.21
C GLN A 105 -2.57 12.76 26.84
N LEU A 106 -3.76 12.42 26.32
CA LEU A 106 -4.19 12.83 24.98
C LEU A 106 -3.22 12.39 23.88
N GLU A 107 -2.63 11.22 24.07
CA GLU A 107 -1.75 10.63 23.07
C GLU A 107 -2.34 9.30 22.61
N MET A 108 -2.07 8.94 21.36
CA MET A 108 -2.57 7.68 20.81
C MET A 108 -1.98 6.49 21.54
N CYS A 109 -2.85 5.69 22.15
CA CYS A 109 -2.43 4.51 22.91
C CYS A 109 -1.70 3.51 22.03
N GLN A 110 -0.60 2.96 22.54
CA GLN A 110 0.22 2.01 21.79
C GLN A 110 -0.52 0.69 21.56
N GLU A 111 -1.32 0.28 22.53
CA GLU A 111 -2.10 -0.94 22.44
C GLU A 111 -3.22 -0.76 21.41
N TYR A 112 -3.56 0.50 21.14
CA TYR A 112 -4.58 0.85 20.17
C TYR A 112 -3.98 0.88 18.77
N LEU A 113 -2.70 1.22 18.70
CA LEU A 113 -2.01 1.34 17.42
C LEU A 113 -1.32 0.05 17.01
N ARG A 114 -0.77 -0.66 17.99
CA ARG A 114 0.04 -1.85 17.70
C ARG A 114 -0.49 -3.10 18.42
N PRO A 115 -1.60 -3.65 17.93
CA PRO A 115 -2.15 -4.89 18.52
C PRO A 115 -1.25 -6.07 18.19
N PRO A 116 -1.20 -7.07 19.09
CA PRO A 116 -0.33 -8.24 18.90
C PRO A 116 -0.78 -9.10 17.72
N LEU A 117 0.15 -9.40 16.81
CA LEU A 117 -0.12 -10.24 15.66
C LEU A 117 1.03 -11.20 15.40
N LYS A 118 0.83 -12.48 15.75
CA LYS A 118 1.86 -13.48 15.57
C LYS A 118 1.86 -14.01 14.14
N ILE A 119 2.97 -13.80 13.43
CA ILE A 119 3.08 -14.24 12.04
C ILE A 119 3.97 -15.47 11.92
N PRO A 120 3.36 -16.64 11.70
CA PRO A 120 4.07 -17.92 11.56
C PRO A 120 5.10 -17.87 10.45
N PRO A 121 6.17 -18.68 10.55
CA PRO A 121 7.21 -18.74 9.53
C PRO A 121 6.64 -19.18 8.17
N GLY A 122 6.93 -18.40 7.13
CA GLY A 122 6.44 -18.70 5.80
C GLY A 122 5.16 -17.96 5.46
N SER A 123 4.41 -17.60 6.49
CA SER A 123 3.15 -16.88 6.30
C SER A 123 3.38 -15.46 5.83
N SER A 124 2.46 -14.93 5.03
CA SER A 124 2.55 -13.56 4.54
C SER A 124 1.38 -12.73 5.05
N THR A 125 1.53 -11.41 5.03
CA THR A 125 0.48 -10.51 5.50
C THR A 125 -0.20 -9.78 4.36
N GLU A 126 -1.50 -9.99 4.22
CA GLU A 126 -2.28 -9.34 3.16
C GLU A 126 -3.47 -8.60 3.75
N LEU A 127 -4.04 -7.71 2.94
CA LEU A 127 -5.25 -6.99 3.35
C LEU A 127 -6.46 -7.89 3.22
N SER A 128 -7.35 -7.83 4.21
CA SER A 128 -8.59 -8.61 4.17
C SER A 128 -9.64 -7.85 3.37
N HIS A 129 -10.81 -8.46 3.22
CA HIS A 129 -11.90 -7.84 2.49
C HIS A 129 -12.35 -6.53 3.17
N ARG A 130 -12.45 -6.56 4.50
CA ARG A 130 -12.85 -5.38 5.25
C ARG A 130 -11.78 -4.30 5.19
N GLY A 131 -10.52 -4.73 5.21
CA GLY A 131 -9.40 -3.80 5.12
C GLY A 131 -9.39 -3.04 3.81
N GLN A 132 -9.66 -3.75 2.72
CA GLN A 132 -9.72 -3.14 1.40
C GLN A 132 -10.90 -2.19 1.28
N GLN A 133 -12.07 -2.65 1.72
CA GLN A 133 -13.30 -1.86 1.65
C GLN A 133 -13.15 -0.53 2.38
N PHE A 134 -12.48 -0.56 3.53
CA PHE A 134 -12.23 0.65 4.30
C PHE A 134 -11.36 1.62 3.52
N LEU A 135 -10.27 1.11 2.95
CA LEU A 135 -9.35 1.92 2.17
C LEU A 135 -9.99 2.49 0.90
N ILE A 136 -10.96 1.75 0.35
CA ILE A 136 -11.72 2.23 -0.79
C ILE A 136 -12.65 3.35 -0.37
N ALA A 137 -13.32 3.16 0.78
CA ALA A 137 -14.21 4.16 1.33
C ALA A 137 -13.47 5.46 1.64
N VAL A 138 -12.30 5.33 2.26
CA VAL A 138 -11.46 6.48 2.57
C VAL A 138 -11.05 7.24 1.32
N PHE A 139 -10.67 6.49 0.28
CA PHE A 139 -10.24 7.07 -0.99
C PHE A 139 -11.30 7.97 -1.61
N GLU A 140 -12.53 7.46 -1.68
CA GLU A 140 -13.61 8.16 -2.36
C GLU A 140 -14.17 9.32 -1.54
N ARG A 141 -13.78 9.40 -0.27
CA ARG A 141 -14.17 10.52 0.56
C ARG A 141 -13.29 11.72 0.27
N TYR A 142 -11.99 11.48 0.16
CA TYR A 142 -11.03 12.55 -0.07
C TYR A 142 -10.83 12.84 -1.56
N ASP A 143 -11.57 12.12 -2.40
CA ASP A 143 -11.62 12.43 -3.82
C ASP A 143 -12.75 13.43 -4.04
N ARG A 144 -12.53 14.67 -3.61
CA ARG A 144 -13.56 15.69 -3.59
C ARG A 144 -14.10 16.02 -4.99
N ASP A 145 -13.20 16.24 -5.94
CA ASP A 145 -13.61 16.59 -7.30
C ASP A 145 -14.19 15.38 -8.04
N GLY A 146 -13.86 14.18 -7.56
CA GLY A 146 -14.39 12.95 -8.13
C GLY A 146 -13.82 12.63 -9.49
N ASP A 147 -12.52 12.83 -9.65
CA ASP A 147 -11.85 12.51 -10.91
C ASP A 147 -11.32 11.09 -10.90
N GLY A 148 -11.59 10.37 -9.81
CA GLY A 148 -11.16 8.99 -9.68
C GLY A 148 -9.69 8.87 -9.31
N ALA A 149 -9.14 9.94 -8.74
CA ALA A 149 -7.73 9.96 -8.36
C ALA A 149 -7.47 10.93 -7.22
N LEU A 150 -6.32 10.75 -6.55
CA LEU A 150 -5.93 11.64 -5.46
C LEU A 150 -4.85 12.62 -5.88
N SER A 151 -5.13 13.91 -5.72
CA SER A 151 -4.15 14.96 -5.96
C SER A 151 -3.25 15.07 -4.73
N PRO A 152 -2.09 15.73 -4.87
CA PRO A 152 -1.23 15.92 -3.69
C PRO A 152 -1.91 16.74 -2.60
N GLU A 153 -2.90 17.55 -2.96
CA GLU A 153 -3.66 18.32 -1.99
C GLU A 153 -4.65 17.42 -1.26
N GLU A 154 -5.24 16.48 -1.98
CA GLU A 154 -6.18 15.53 -1.41
C GLU A 154 -5.45 14.49 -0.57
N HIS A 155 -4.29 14.07 -1.06
CA HIS A 155 -3.49 13.05 -0.39
C HIS A 155 -2.98 13.56 0.96
N LYS A 156 -2.83 14.87 1.07
CA LYS A 156 -2.37 15.48 2.31
C LYS A 156 -3.51 15.52 3.35
N MET A 157 -4.70 15.88 2.90
CA MET A 157 -5.86 15.93 3.79
C MET A 157 -6.20 14.56 4.34
N LEU A 158 -5.98 13.53 3.52
CA LEU A 158 -6.29 12.16 3.90
C LEU A 158 -5.47 11.75 5.12
N PHE A 159 -4.18 12.07 5.09
CA PHE A 159 -3.29 11.71 6.19
C PHE A 159 -3.07 12.86 7.16
N SER A 160 -4.03 13.77 7.22
CA SER A 160 -3.98 14.88 8.16
C SER A 160 -4.35 14.38 9.56
N THR A 161 -4.98 13.21 9.61
CA THR A 161 -5.32 12.58 10.87
C THR A 161 -4.17 11.72 11.37
N CYS A 162 -3.08 11.73 10.61
CA CYS A 162 -1.87 10.99 10.96
C CYS A 162 -0.76 11.97 11.29
N PRO A 163 0.23 11.54 12.09
CA PRO A 163 1.41 12.37 12.39
C PRO A 163 2.09 12.82 11.10
N ALA A 164 2.22 11.90 10.16
CA ALA A 164 2.75 12.19 8.84
C ALA A 164 2.23 11.17 7.85
N ALA A 165 2.54 11.35 6.57
CA ALA A 165 2.17 10.38 5.56
C ALA A 165 3.05 9.14 5.70
N PRO A 166 2.49 7.96 5.40
CA PRO A 166 3.26 6.71 5.48
C PRO A 166 4.24 6.59 4.31
N TRP A 167 4.10 7.50 3.34
CA TRP A 167 5.00 7.53 2.19
C TRP A 167 4.96 8.90 1.55
N SER A 168 6.01 9.24 0.80
CA SER A 168 6.04 10.50 0.07
C SER A 168 5.11 10.42 -1.13
N TYR A 169 4.36 11.49 -1.38
CA TYR A 169 3.46 11.51 -2.52
C TYR A 169 4.24 11.64 -3.83
N SER A 170 5.29 12.45 -3.82
CA SER A 170 6.01 12.77 -5.04
C SER A 170 7.15 11.78 -5.34
N THR A 171 7.77 11.25 -4.31
CA THR A 171 8.95 10.41 -4.50
C THR A 171 8.73 8.94 -4.16
N ASP A 172 7.46 8.54 -4.04
CA ASP A 172 7.15 7.15 -3.73
C ASP A 172 5.92 6.65 -4.51
N ILE A 173 4.73 6.98 -4.02
CA ILE A 173 3.50 6.43 -4.56
C ILE A 173 3.24 6.86 -6.01
N ARG A 174 3.80 7.99 -6.41
CA ARG A 174 3.61 8.50 -7.77
C ARG A 174 4.62 7.87 -8.73
N LYS A 175 5.56 7.12 -8.18
CA LYS A 175 6.60 6.49 -8.99
C LYS A 175 6.61 4.97 -8.83
N SER A 176 6.00 4.48 -7.77
CA SER A 176 6.01 3.05 -7.48
C SER A 176 4.66 2.39 -7.72
N CYS A 177 3.65 3.20 -7.98
CA CYS A 177 2.29 2.69 -8.16
C CYS A 177 1.64 3.30 -9.39
N PRO A 178 0.69 2.55 -10.00
CA PRO A 178 -0.05 3.03 -11.18
C PRO A 178 -0.73 4.37 -10.94
N ILE A 179 -0.65 5.26 -11.92
CA ILE A 179 -1.25 6.58 -11.82
C ILE A 179 -2.06 6.91 -13.06
N ASN A 180 -2.81 8.00 -13.01
CA ASN A 180 -3.56 8.47 -14.17
C ASN A 180 -2.60 9.07 -15.20
N GLU A 181 -2.77 8.66 -16.45
CA GLU A 181 -1.84 9.02 -17.52
C GLU A 181 -1.79 10.52 -17.77
N THR A 182 -2.97 11.15 -17.79
CA THR A 182 -3.05 12.57 -18.12
C THR A 182 -2.81 13.50 -16.92
N THR A 183 -3.42 13.19 -15.79
CA THR A 183 -3.31 14.06 -14.62
C THR A 183 -2.05 13.79 -13.80
N GLY A 184 -1.54 12.56 -13.88
CA GLY A 184 -0.35 12.18 -13.15
C GLY A 184 -0.62 12.00 -11.66
N TRP A 185 -1.87 11.70 -11.33
CA TRP A 185 -2.27 11.54 -9.94
C TRP A 185 -2.57 10.08 -9.60
N VAL A 186 -2.51 9.75 -8.31
CA VAL A 186 -2.71 8.39 -7.85
C VAL A 186 -4.18 7.96 -7.96
N THR A 187 -4.43 6.92 -8.74
CA THR A 187 -5.78 6.41 -8.93
C THR A 187 -6.19 5.50 -7.77
N LEU A 188 -7.41 4.99 -7.82
CA LEU A 188 -7.90 4.07 -6.81
C LEU A 188 -7.11 2.77 -6.85
N HIS A 189 -6.73 2.37 -8.05
CA HIS A 189 -5.96 1.14 -8.24
C HIS A 189 -4.58 1.26 -7.59
N GLY A 190 -3.87 2.34 -7.90
CA GLY A 190 -2.56 2.58 -7.33
C GLY A 190 -2.63 2.76 -5.83
N TRP A 191 -3.75 3.33 -5.37
CA TRP A 191 -3.99 3.51 -3.94
C TRP A 191 -3.96 2.17 -3.20
N LEU A 192 -4.67 1.18 -3.76
CA LEU A 192 -4.70 -0.15 -3.18
C LEU A 192 -3.37 -0.89 -3.36
N CYS A 193 -2.63 -0.53 -4.41
CA CYS A 193 -1.32 -1.13 -4.64
C CYS A 193 -0.33 -0.73 -3.55
N ARG A 194 -0.30 0.57 -3.22
CA ARG A 194 0.63 1.10 -2.25
C ARG A 194 0.38 0.52 -0.85
N TRP A 195 -0.89 0.30 -0.53
CA TRP A 195 -1.26 -0.29 0.75
C TRP A 195 -0.99 -1.79 0.77
N THR A 196 -1.10 -2.42 -0.40
CA THR A 196 -0.82 -3.85 -0.51
C THR A 196 0.67 -4.10 -0.31
N LEU A 197 1.48 -3.20 -0.87
CA LEU A 197 2.93 -3.28 -0.73
C LEU A 197 3.34 -3.13 0.73
N MET A 198 2.81 -2.12 1.39
CA MET A 198 3.15 -1.85 2.79
C MET A 198 2.69 -2.97 3.73
N THR A 199 1.48 -3.47 3.50
CA THR A 199 0.91 -4.53 4.32
C THR A 199 1.79 -5.78 4.31
N LEU A 200 2.40 -6.06 3.17
CA LEU A 200 3.23 -7.26 3.03
C LEU A 200 4.58 -7.12 3.72
N ILE A 201 5.24 -5.97 3.53
CA ILE A 201 6.59 -5.78 4.04
C ILE A 201 6.64 -5.07 5.39
N ASP A 202 5.52 -4.49 5.82
CA ASP A 202 5.45 -3.79 7.09
C ASP A 202 4.01 -3.75 7.61
N VAL A 203 3.54 -4.87 8.12
CA VAL A 203 2.17 -4.99 8.60
C VAL A 203 1.89 -4.09 9.81
N VAL A 204 2.88 -3.96 10.70
CA VAL A 204 2.72 -3.17 11.91
C VAL A 204 2.48 -1.70 11.57
N LYS A 205 3.15 -1.21 10.54
CA LYS A 205 2.97 0.17 10.09
C LYS A 205 1.60 0.36 9.47
N THR A 206 1.12 -0.66 8.76
CA THR A 206 -0.19 -0.63 8.14
C THR A 206 -1.28 -0.50 9.20
N MET A 207 -1.22 -1.35 10.21
CA MET A 207 -2.21 -1.36 11.28
C MET A 207 -2.14 -0.08 12.11
N GLU A 208 -0.93 0.47 12.25
CA GLU A 208 -0.73 1.70 12.99
C GLU A 208 -1.41 2.87 12.29
N TYR A 209 -1.33 2.88 10.96
CA TYR A 209 -1.94 3.95 10.18
C TYR A 209 -3.43 3.77 9.99
N LEU A 210 -3.88 2.51 9.95
CA LEU A 210 -5.30 2.22 9.85
C LEU A 210 -6.05 2.72 11.08
N ALA A 211 -5.39 2.62 12.24
CA ALA A 211 -5.96 3.11 13.48
C ALA A 211 -6.07 4.63 13.46
N TYR A 212 -5.04 5.28 12.93
CA TYR A 212 -5.04 6.74 12.77
C TYR A 212 -6.18 7.19 11.86
N LEU A 213 -6.40 6.46 10.77
CA LEU A 213 -7.44 6.80 9.80
C LEU A 213 -8.83 6.52 10.36
N GLY A 214 -8.89 5.74 11.43
CA GLY A 214 -10.16 5.46 12.09
C GLY A 214 -10.80 4.15 11.65
N PHE A 215 -9.97 3.13 11.43
CA PHE A 215 -10.48 1.82 11.05
C PHE A 215 -11.21 1.19 12.23
N ASN A 216 -10.62 1.31 13.42
CA ASN A 216 -11.16 0.69 14.62
C ASN A 216 -12.58 1.15 14.95
N VAL A 217 -12.85 2.44 14.72
CA VAL A 217 -14.16 3.00 15.03
C VAL A 217 -15.16 2.69 13.93
N HIS A 218 -14.73 2.81 12.68
CA HIS A 218 -15.59 2.53 11.54
C HIS A 218 -15.99 1.06 11.50
N GLU A 219 -15.00 0.18 11.70
CA GLU A 219 -15.22 -1.26 11.56
C GLU A 219 -15.73 -1.89 12.86
N ASN A 220 -15.67 -1.12 13.95
CA ASN A 220 -16.05 -1.62 15.27
C ASN A 220 -15.30 -2.90 15.61
N ASP A 221 -13.98 -2.85 15.45
CA ASP A 221 -13.12 -4.00 15.68
C ASP A 221 -11.67 -3.54 15.67
N SER A 222 -10.76 -4.39 16.12
CA SER A 222 -9.34 -4.08 16.06
C SER A 222 -8.87 -4.16 14.61
N GLN A 223 -7.72 -3.56 14.32
CA GLN A 223 -7.20 -3.55 12.96
C GLN A 223 -6.70 -4.92 12.50
N LEU A 224 -6.84 -5.93 13.36
CA LEU A 224 -6.52 -7.31 13.00
C LEU A 224 -7.47 -7.79 11.90
N ALA A 225 -8.66 -7.21 11.87
CA ALA A 225 -9.68 -7.59 10.89
C ALA A 225 -9.36 -7.02 9.51
N ALA A 226 -8.37 -6.15 9.44
CA ALA A 226 -7.95 -5.57 8.18
C ALA A 226 -6.80 -6.37 7.57
N ILE A 227 -6.20 -7.23 8.38
CA ILE A 227 -5.07 -8.05 7.96
C ILE A 227 -5.47 -9.51 7.76
N HIS A 228 -5.14 -10.06 6.60
CA HIS A 228 -5.42 -11.46 6.30
C HIS A 228 -4.12 -12.22 6.10
N VAL A 229 -3.83 -13.13 7.02
CA VAL A 229 -2.59 -13.90 6.97
C VAL A 229 -2.71 -15.10 6.02
N THR A 230 -1.86 -15.11 5.00
CA THR A 230 -1.86 -16.19 4.01
C THR A 230 -0.54 -16.97 4.07
N ARG A 231 -0.57 -18.21 3.58
CA ARG A 231 0.61 -19.05 3.55
C ARG A 231 0.49 -20.13 2.50
N GLU A 232 1.63 -20.61 1.99
CA GLU A 232 1.64 -21.67 1.00
C GLU A 232 1.53 -23.03 1.67
N ARG A 233 0.37 -23.66 1.54
CA ARG A 233 0.09 -24.94 2.19
C ARG A 233 -0.07 -26.04 1.14
N ARG A 234 0.19 -27.28 1.54
CA ARG A 234 0.03 -28.42 0.66
C ARG A 234 -1.45 -28.68 0.37
N ILE A 235 -1.75 -29.83 -0.22
CA ILE A 235 -3.12 -30.16 -0.56
C ILE A 235 -3.96 -30.40 0.69
N ASP A 236 -4.27 -29.33 1.40
CA ASP A 236 -5.11 -29.41 2.59
C ASP A 236 -6.57 -29.38 2.16
N LEU A 237 -7.39 -30.24 2.75
CA LEU A 237 -8.79 -30.35 2.36
C LEU A 237 -9.68 -29.49 3.25
N ALA A 238 -9.09 -28.46 3.85
CA ALA A 238 -9.83 -27.53 4.69
C ALA A 238 -10.75 -26.66 3.83
N LYS A 239 -11.89 -26.29 4.40
CA LYS A 239 -12.86 -25.46 3.70
C LYS A 239 -12.45 -23.98 3.71
N ARG A 240 -11.50 -23.65 4.57
CA ARG A 240 -11.02 -22.28 4.70
C ARG A 240 -9.74 -22.08 3.89
N GLN A 241 -9.88 -21.65 2.64
CA GLN A 241 -8.73 -21.41 1.78
C GLN A 241 -7.96 -20.18 2.22
N SER A 242 -6.63 -20.24 2.11
CA SER A 242 -5.78 -19.12 2.48
C SER A 242 -4.60 -18.98 1.52
N SER A 243 -4.88 -19.12 0.22
CA SER A 243 -3.85 -19.00 -0.79
C SER A 243 -3.34 -17.58 -0.91
N ARG A 244 -2.06 -17.44 -1.27
CA ARG A 244 -1.45 -16.12 -1.42
C ARG A 244 -1.96 -15.41 -2.68
N SER A 245 -1.89 -14.09 -2.66
CA SER A 245 -2.31 -13.28 -3.79
C SER A 245 -1.36 -12.11 -4.00
N VAL A 246 -0.34 -12.03 -3.16
CA VAL A 246 0.68 -10.99 -3.27
C VAL A 246 2.07 -11.61 -3.27
N TYR A 247 2.76 -11.50 -4.40
CA TYR A 247 4.09 -12.08 -4.53
C TYR A 247 5.16 -10.99 -4.72
N LYS A 248 6.36 -11.26 -4.23
CA LYS A 248 7.46 -10.32 -4.35
C LYS A 248 8.58 -10.86 -5.23
N CYS A 249 9.01 -10.05 -6.18
CA CYS A 249 10.07 -10.44 -7.11
C CYS A 249 11.30 -9.56 -6.96
N HIS A 250 12.44 -10.17 -6.71
CA HIS A 250 13.70 -9.44 -6.62
C HIS A 250 14.37 -9.35 -8.00
N VAL A 251 14.60 -8.13 -8.45
CA VAL A 251 15.22 -7.90 -9.75
C VAL A 251 16.71 -7.58 -9.60
N ILE A 252 17.55 -8.58 -9.88
CA ILE A 252 18.98 -8.43 -9.69
C ILE A 252 19.74 -8.44 -11.02
N GLY A 253 20.66 -7.50 -11.17
CA GLY A 253 21.46 -7.41 -12.39
C GLY A 253 22.63 -6.45 -12.22
N PRO A 254 23.53 -6.42 -13.21
CA PRO A 254 24.69 -5.52 -13.19
C PRO A 254 24.33 -4.11 -13.62
N LYS A 255 25.30 -3.21 -13.60
CA LYS A 255 25.06 -1.82 -13.97
C LYS A 255 24.80 -1.69 -15.47
N GLY A 256 23.72 -0.99 -15.81
CA GLY A 256 23.37 -0.76 -17.20
C GLY A 256 22.55 -1.89 -17.80
N SER A 257 22.10 -2.81 -16.95
CA SER A 257 21.31 -3.96 -17.39
C SER A 257 19.94 -3.54 -17.92
N GLY A 258 19.48 -2.37 -17.50
CA GLY A 258 18.19 -1.85 -17.91
C GLY A 258 17.05 -2.46 -17.11
N LYS A 259 17.38 -3.03 -15.96
CA LYS A 259 16.38 -3.68 -15.12
C LYS A 259 15.52 -2.66 -14.37
N THR A 260 16.04 -1.44 -14.22
CA THR A 260 15.28 -0.38 -13.57
C THR A 260 14.13 0.08 -14.46
N GLY A 261 14.42 0.26 -15.74
CA GLY A 261 13.40 0.65 -16.70
C GLY A 261 12.35 -0.42 -16.92
N MET A 262 12.71 -1.66 -16.60
CA MET A 262 11.78 -2.77 -16.71
C MET A 262 10.75 -2.70 -15.59
N CYS A 263 11.23 -2.38 -14.38
CA CYS A 263 10.36 -2.28 -13.21
C CYS A 263 9.33 -1.17 -13.36
N ARG A 264 9.78 -0.03 -13.87
CA ARG A 264 8.90 1.14 -14.03
C ARG A 264 7.86 0.91 -15.12
N GLY A 265 8.19 0.07 -16.10
CA GLY A 265 7.29 -0.20 -17.21
C GLY A 265 6.10 -1.04 -16.81
N PHE A 266 6.17 -1.63 -15.61
CA PHE A 266 5.08 -2.44 -15.07
C PHE A 266 3.88 -1.56 -14.71
N LEU A 267 4.12 -0.26 -14.57
CA LEU A 267 3.10 0.64 -14.05
C LEU A 267 2.37 1.46 -15.12
N VAL A 268 2.92 1.47 -16.34
CA VAL A 268 2.35 2.27 -17.42
C VAL A 268 1.95 1.42 -18.62
N GLU A 269 0.82 1.77 -19.24
CA GLU A 269 0.34 1.07 -20.42
C GLU A 269 1.25 1.38 -21.61
N ASP A 270 1.68 2.63 -21.69
CA ASP A 270 2.55 3.08 -22.77
C ASP A 270 4.01 3.11 -22.34
N MET A 271 4.78 2.12 -22.77
CA MET A 271 6.19 2.04 -22.43
C MET A 271 7.08 2.73 -23.46
N HIS A 272 6.46 3.43 -24.41
CA HIS A 272 7.19 4.13 -25.46
C HIS A 272 7.75 5.47 -24.99
N LYS A 273 7.64 5.73 -23.69
CA LYS A 273 8.10 7.00 -23.14
C LYS A 273 9.18 6.78 -22.07
N LEU A 274 9.62 5.54 -21.93
CA LEU A 274 10.63 5.19 -20.95
C LEU A 274 11.90 4.66 -21.60
N ILE A 275 11.98 4.76 -22.92
CA ILE A 275 13.10 4.22 -23.68
C ILE A 275 14.42 4.91 -23.35
N GLY A 276 14.51 6.19 -23.64
CA GLY A 276 15.71 6.96 -23.35
C GLY A 276 15.52 7.88 -22.16
N LYS A 277 15.44 7.29 -20.97
CA LYS A 277 15.20 8.05 -19.76
C LYS A 277 16.04 7.55 -18.59
N GLU A 278 16.77 8.47 -17.95
CA GLU A 278 17.50 8.16 -16.74
C GLU A 278 16.59 8.38 -15.54
N PHE A 279 16.77 7.57 -14.50
CA PHE A 279 15.90 7.64 -13.33
C PHE A 279 16.58 8.34 -12.15
N LYS A 280 16.11 9.54 -11.84
CA LYS A 280 16.70 10.37 -10.79
C LYS A 280 16.33 9.87 -9.40
N THR A 281 15.24 9.11 -9.31
CA THR A 281 14.76 8.62 -8.02
C THR A 281 14.92 7.11 -7.91
N ASN A 282 15.52 6.66 -6.81
CA ASN A 282 15.71 5.24 -6.57
C ASN A 282 14.49 4.60 -5.89
N VAL A 283 13.57 4.11 -6.70
CA VAL A 283 12.38 3.45 -6.18
C VAL A 283 12.69 1.99 -5.84
N VAL A 284 12.62 1.67 -4.56
CA VAL A 284 12.99 0.33 -4.09
C VAL A 284 11.99 -0.73 -4.55
N ASN A 285 10.70 -0.48 -4.31
CA ASN A 285 9.66 -1.44 -4.65
C ASN A 285 8.60 -0.87 -5.58
N CYS A 286 8.39 -1.55 -6.70
CA CYS A 286 7.29 -1.22 -7.60
C CYS A 286 6.24 -2.31 -7.52
N ILE A 287 4.97 -1.95 -7.68
CA ILE A 287 3.90 -2.93 -7.51
C ILE A 287 2.71 -2.67 -8.45
N ASN A 288 2.19 -3.75 -9.02
CA ASN A 288 0.97 -3.70 -9.80
C ASN A 288 0.32 -5.08 -9.81
N SER A 289 -0.92 -5.17 -10.28
CA SER A 289 -1.63 -6.44 -10.31
C SER A 289 -1.68 -7.04 -11.71
N VAL A 290 -1.66 -8.36 -11.78
CA VAL A 290 -1.80 -9.08 -13.04
C VAL A 290 -2.78 -10.25 -12.89
N GLN A 291 -3.37 -10.66 -14.00
CA GLN A 291 -4.31 -11.77 -13.98
C GLN A 291 -3.60 -13.11 -14.16
N VAL A 292 -3.73 -13.97 -13.15
CA VAL A 292 -3.13 -15.31 -13.19
C VAL A 292 -4.21 -16.37 -13.06
N TYR A 293 -4.58 -16.96 -14.19
CA TYR A 293 -5.62 -18.00 -14.24
C TYR A 293 -6.93 -17.56 -13.60
N GLY A 294 -7.42 -16.39 -14.01
CA GLY A 294 -8.71 -15.90 -13.57
C GLY A 294 -8.69 -15.19 -12.23
N GLN A 295 -7.53 -15.15 -11.59
CA GLN A 295 -7.39 -14.50 -10.29
C GLN A 295 -6.44 -13.30 -10.32
N GLU A 296 -6.76 -12.28 -9.54
CA GLU A 296 -5.92 -11.10 -9.44
C GLU A 296 -4.76 -11.33 -8.49
N LYS A 297 -3.54 -11.13 -9.00
CA LYS A 297 -2.34 -11.32 -8.20
C LYS A 297 -1.49 -10.05 -8.22
N HIS A 298 -1.08 -9.59 -7.04
CA HIS A 298 -0.20 -8.45 -6.94
C HIS A 298 1.27 -8.88 -6.97
N LEU A 299 2.03 -8.27 -7.88
CA LEU A 299 3.45 -8.58 -8.00
C LEU A 299 4.30 -7.38 -7.61
N ILE A 300 5.27 -7.61 -6.73
CA ILE A 300 6.18 -6.55 -6.30
C ILE A 300 7.55 -6.71 -6.93
N LEU A 301 7.97 -5.71 -7.69
CA LEU A 301 9.27 -5.75 -8.35
C LEU A 301 10.30 -4.93 -7.57
N ARG A 302 11.04 -5.60 -6.70
CA ARG A 302 12.07 -4.94 -5.90
C ARG A 302 13.35 -4.73 -6.71
N ASP A 303 13.73 -3.47 -6.88
CA ASP A 303 14.95 -3.14 -7.62
C ASP A 303 16.16 -3.23 -6.70
N ILE A 304 16.75 -4.42 -6.62
CA ILE A 304 17.92 -4.64 -5.77
C ILE A 304 19.07 -3.74 -6.20
N ASP A 305 19.69 -3.08 -5.22
CA ASP A 305 20.77 -2.14 -5.48
C ASP A 305 21.92 -2.75 -6.26
N VAL A 306 22.31 -2.08 -7.33
CA VAL A 306 23.38 -2.55 -8.20
C VAL A 306 24.73 -2.50 -7.49
N ARG A 307 25.51 -3.56 -7.61
CA ARG A 307 26.81 -3.64 -6.98
C ARG A 307 27.82 -4.32 -7.91
N HIS A 308 29.06 -4.47 -7.45
CA HIS A 308 30.08 -5.16 -8.22
C HIS A 308 29.79 -6.65 -8.28
N ALA A 309 30.38 -7.33 -9.26
CA ALA A 309 30.13 -8.75 -9.46
C ALA A 309 30.74 -9.61 -8.35
N LEU A 310 31.79 -9.09 -7.71
CA LEU A 310 32.44 -9.81 -6.63
C LEU A 310 31.83 -9.47 -5.28
N ASP A 311 31.02 -8.41 -5.24
CA ASP A 311 30.31 -8.03 -4.02
C ASP A 311 29.28 -9.10 -3.67
N PRO A 312 29.10 -9.35 -2.35
CA PRO A 312 28.17 -10.38 -1.91
C PRO A 312 26.72 -9.91 -1.93
N LEU A 313 25.80 -10.86 -2.01
CA LEU A 313 24.37 -10.56 -1.91
C LEU A 313 23.85 -11.00 -0.56
N GLN A 314 23.16 -10.10 0.14
CA GLN A 314 22.58 -10.41 1.44
C GLN A 314 21.45 -11.43 1.28
N PRO A 315 21.26 -12.28 2.31
CA PRO A 315 20.20 -13.29 2.31
C PRO A 315 18.83 -12.70 2.08
N GLN A 316 18.58 -11.52 2.66
CA GLN A 316 17.30 -10.84 2.50
C GLN A 316 17.16 -10.19 1.12
N GLU A 317 18.23 -10.25 0.34
CA GLU A 317 18.20 -9.78 -1.04
C GLU A 317 18.11 -10.96 -2.00
N VAL A 318 18.53 -12.12 -1.53
CA VAL A 318 18.49 -13.33 -2.35
C VAL A 318 17.14 -14.04 -2.19
N ASN A 319 16.66 -14.11 -0.95
CA ASN A 319 15.42 -14.81 -0.66
C ASN A 319 14.18 -14.04 -1.10
N CYS A 320 13.43 -14.62 -2.03
CA CYS A 320 12.21 -14.01 -2.54
C CYS A 320 11.27 -15.07 -3.11
N ASP A 321 10.17 -14.62 -3.70
CA ASP A 321 9.20 -15.53 -4.28
C ASP A 321 9.66 -15.99 -5.65
N VAL A 322 10.24 -15.07 -6.41
CA VAL A 322 10.77 -15.37 -7.73
C VAL A 322 11.92 -14.43 -8.09
N ALA A 323 13.03 -15.01 -8.52
CA ALA A 323 14.22 -14.22 -8.85
C ALA A 323 14.24 -13.87 -10.33
N CYS A 324 14.41 -12.58 -10.63
CA CYS A 324 14.49 -12.12 -12.01
C CYS A 324 15.87 -11.56 -12.30
N LEU A 325 16.73 -12.38 -12.88
CA LEU A 325 18.09 -11.97 -13.21
C LEU A 325 18.13 -11.30 -14.59
N VAL A 326 18.56 -10.04 -14.62
CA VAL A 326 18.50 -9.25 -15.84
C VAL A 326 19.89 -8.88 -16.36
N TYR A 327 20.11 -9.07 -17.65
CA TYR A 327 21.35 -8.69 -18.31
C TYR A 327 21.09 -7.90 -19.57
N ASP A 328 22.09 -7.17 -20.05
CA ASP A 328 21.99 -6.41 -21.28
C ASP A 328 22.42 -7.28 -22.46
N SER A 329 21.58 -7.34 -23.49
CA SER A 329 21.88 -8.13 -24.68
C SER A 329 22.83 -7.40 -25.61
N SER A 330 22.92 -6.07 -25.44
CA SER A 330 23.78 -5.26 -26.27
C SER A 330 25.18 -5.11 -25.65
N ASN A 331 25.34 -5.66 -24.45
CA ASN A 331 26.62 -5.62 -23.77
C ASN A 331 27.21 -7.01 -23.60
N PRO A 332 28.32 -7.28 -24.30
CA PRO A 332 28.97 -8.60 -24.31
C PRO A 332 29.50 -9.03 -22.95
N ARG A 333 29.73 -8.07 -22.05
CA ARG A 333 30.27 -8.38 -20.73
C ARG A 333 29.22 -8.20 -19.63
N SER A 334 27.95 -8.38 -19.99
CA SER A 334 26.84 -8.15 -19.06
C SER A 334 26.26 -9.44 -18.50
N PHE A 335 26.20 -10.48 -19.33
CA PHE A 335 25.59 -11.74 -18.92
C PHE A 335 26.39 -12.50 -17.86
N GLU A 336 27.69 -12.22 -17.80
CA GLU A 336 28.57 -12.93 -16.88
C GLU A 336 28.21 -12.71 -15.41
N TYR A 337 27.57 -11.58 -15.12
CA TYR A 337 27.09 -11.30 -13.77
C TYR A 337 25.96 -12.25 -13.41
N VAL A 338 24.99 -12.39 -14.31
CA VAL A 338 23.85 -13.28 -14.13
C VAL A 338 24.29 -14.72 -13.90
N ALA A 339 25.25 -15.17 -14.71
CA ALA A 339 25.80 -16.52 -14.59
C ALA A 339 26.50 -16.71 -13.26
N ARG A 340 27.20 -15.67 -12.81
CA ARG A 340 27.88 -15.68 -11.52
C ARG A 340 26.86 -15.74 -10.38
N ILE A 341 25.83 -14.92 -10.46
CA ILE A 341 24.82 -14.84 -9.40
C ILE A 341 23.99 -16.10 -9.27
N TYR A 342 23.51 -16.63 -10.38
CA TYR A 342 22.64 -17.81 -10.37
C TYR A 342 23.32 -19.02 -9.73
N ILE A 343 24.58 -19.26 -10.11
CA ILE A 343 25.31 -20.42 -9.62
C ILE A 343 25.55 -20.35 -8.12
N LYS A 344 25.98 -19.19 -7.65
CA LYS A 344 26.34 -19.03 -6.23
C LYS A 344 25.13 -19.01 -5.31
N TYR A 345 24.06 -18.36 -5.74
CA TYR A 345 22.92 -18.10 -4.84
C TYR A 345 21.65 -18.89 -5.16
N TYR A 346 21.36 -19.08 -6.45
CA TYR A 346 20.06 -19.63 -6.84
C TYR A 346 20.10 -21.04 -7.43
N ALA A 347 21.30 -21.51 -7.77
CA ALA A 347 21.45 -22.81 -8.44
C ALA A 347 20.97 -23.98 -7.58
N GLU A 348 21.14 -23.87 -6.27
CA GLU A 348 20.82 -24.96 -5.36
C GLU A 348 19.69 -24.58 -4.41
N SER A 349 18.89 -23.59 -4.80
CA SER A 349 17.79 -23.12 -3.97
C SER A 349 16.44 -23.64 -4.47
N LYS A 350 15.38 -23.27 -3.76
CA LYS A 350 14.03 -23.67 -4.15
C LYS A 350 13.30 -22.51 -4.82
N ILE A 351 14.04 -21.44 -5.10
CA ILE A 351 13.46 -20.24 -5.69
C ILE A 351 13.48 -20.29 -7.21
N PRO A 352 12.31 -20.13 -7.84
CA PRO A 352 12.22 -20.07 -9.31
C PRO A 352 12.95 -18.84 -9.85
N VAL A 353 13.70 -19.04 -10.93
CA VAL A 353 14.53 -17.98 -11.48
C VAL A 353 14.23 -17.76 -12.97
N MET A 354 14.13 -16.50 -13.36
CA MET A 354 13.91 -16.16 -14.76
C MET A 354 15.00 -15.21 -15.29
N ILE A 355 15.67 -15.64 -16.35
CA ILE A 355 16.69 -14.82 -16.99
C ILE A 355 16.04 -13.92 -18.04
N VAL A 356 16.34 -12.63 -17.98
CA VAL A 356 15.76 -11.66 -18.91
C VAL A 356 16.82 -10.85 -19.63
N GLY A 357 16.72 -10.81 -20.96
CA GLY A 357 17.61 -9.99 -21.76
C GLY A 357 16.90 -8.74 -22.24
N THR A 358 17.44 -7.57 -21.87
CA THR A 358 16.82 -6.31 -22.23
C THR A 358 17.50 -5.66 -23.44
N LYS A 359 16.88 -4.61 -23.95
CA LYS A 359 17.42 -3.85 -25.09
C LYS A 359 17.71 -4.74 -26.29
N CYS A 360 16.79 -5.65 -26.56
CA CYS A 360 16.93 -6.57 -27.69
C CYS A 360 16.50 -5.90 -29.00
N ASP A 361 16.08 -4.64 -28.90
CA ASP A 361 15.73 -3.85 -30.08
C ASP A 361 16.95 -3.70 -30.97
N MET A 362 18.10 -3.42 -30.35
CA MET A 362 19.36 -3.36 -31.08
C MET A 362 19.86 -4.78 -31.36
N ASP A 363 20.87 -4.89 -32.20
CA ASP A 363 21.42 -6.20 -32.56
C ASP A 363 22.01 -6.91 -31.34
N GLU A 364 21.44 -8.07 -31.02
CA GLU A 364 21.90 -8.86 -29.88
C GLU A 364 23.31 -9.41 -30.12
N ARG A 365 24.30 -8.66 -29.66
CA ARG A 365 25.69 -9.06 -29.82
C ARG A 365 26.01 -10.29 -28.99
N ARG A 366 27.10 -10.98 -29.34
CA ARG A 366 27.52 -12.16 -28.60
C ARG A 366 28.07 -11.78 -27.23
N GLN A 367 27.90 -12.66 -26.26
CA GLN A 367 28.38 -12.42 -24.91
C GLN A 367 29.84 -12.89 -24.75
N ASP A 368 30.66 -12.03 -24.15
CA ASP A 368 32.06 -12.37 -23.90
C ASP A 368 32.21 -13.29 -22.68
N TYR A 369 31.31 -14.25 -22.55
CA TYR A 369 31.36 -15.24 -21.50
C TYR A 369 31.80 -16.57 -22.13
N LEU A 370 31.68 -17.66 -21.38
CA LEU A 370 32.06 -18.97 -21.89
C LEU A 370 30.85 -19.72 -22.42
N MET A 371 29.68 -19.38 -21.87
CA MET A 371 28.43 -19.94 -22.36
C MET A 371 27.51 -18.80 -22.79
N GLN A 372 26.69 -19.06 -23.80
CA GLN A 372 25.69 -18.09 -24.23
C GLN A 372 24.43 -18.28 -23.40
N PRO A 373 23.69 -17.19 -23.16
CA PRO A 373 22.47 -17.18 -22.33
C PRO A 373 21.51 -18.31 -22.67
N SER A 374 21.30 -18.56 -23.97
CA SER A 374 20.42 -19.63 -24.42
C SER A 374 20.97 -20.99 -23.98
N GLU A 375 22.28 -21.14 -24.03
CA GLU A 375 22.93 -22.39 -23.65
C GLU A 375 23.01 -22.52 -22.13
N PHE A 376 23.18 -21.40 -21.44
CA PHE A 376 23.30 -21.39 -19.98
C PHE A 376 22.01 -21.87 -19.32
N CYS A 377 20.88 -21.34 -19.79
CA CYS A 377 19.57 -21.75 -19.28
C CYS A 377 19.32 -23.21 -19.59
N ASP A 378 19.79 -23.65 -20.76
CA ASP A 378 19.61 -25.02 -21.21
C ASP A 378 20.43 -25.98 -20.34
N LYS A 379 21.56 -25.51 -19.85
CA LYS A 379 22.42 -26.31 -19.00
C LYS A 379 21.81 -26.53 -17.61
N TYR A 380 21.29 -25.46 -17.02
CA TYR A 380 20.73 -25.53 -15.68
C TYR A 380 19.21 -25.68 -15.68
N LYS A 381 18.68 -26.24 -16.76
CA LYS A 381 17.25 -26.53 -16.89
C LYS A 381 16.35 -25.32 -16.65
N LEU A 382 16.82 -24.15 -17.07
CA LEU A 382 16.03 -22.93 -16.95
C LEU A 382 15.29 -22.67 -18.25
N LEU A 383 14.25 -21.84 -18.17
CA LEU A 383 13.52 -21.43 -19.36
C LEU A 383 14.44 -20.56 -20.22
N PRO A 384 14.22 -20.58 -21.54
CA PRO A 384 15.03 -19.73 -22.44
C PRO A 384 14.92 -18.26 -22.07
N PRO A 385 16.02 -17.51 -22.23
CA PRO A 385 16.10 -16.09 -21.85
C PRO A 385 14.98 -15.26 -22.46
N HIS A 386 14.19 -14.62 -21.61
CA HIS A 386 13.08 -13.81 -22.07
C HIS A 386 13.57 -12.49 -22.66
N LEU A 387 13.36 -12.32 -23.96
CA LEU A 387 13.75 -11.08 -24.64
C LEU A 387 12.77 -9.97 -24.31
N PHE A 388 13.24 -8.97 -23.57
CA PHE A 388 12.40 -7.85 -23.16
C PHE A 388 12.82 -6.56 -23.85
N SER A 389 11.85 -5.71 -24.15
CA SER A 389 12.13 -4.42 -24.77
C SER A 389 11.04 -3.40 -24.43
N LEU A 390 11.44 -2.14 -24.29
CA LEU A 390 10.50 -1.06 -23.97
C LEU A 390 9.84 -0.50 -25.22
N LYS A 391 10.34 -0.90 -26.39
CA LYS A 391 9.80 -0.43 -27.66
C LYS A 391 8.66 -1.32 -28.15
N THR A 392 8.36 -2.36 -27.39
CA THR A 392 7.41 -3.37 -27.83
C THR A 392 6.08 -3.28 -27.09
N ASN A 393 6.11 -2.74 -25.87
CA ASN A 393 4.92 -2.58 -25.04
C ASN A 393 4.20 -3.89 -24.73
N LYS A 394 4.94 -4.99 -24.74
CA LYS A 394 4.40 -6.30 -24.40
C LYS A 394 4.61 -6.60 -22.92
N LYS A 395 3.56 -7.06 -22.25
CA LYS A 395 3.63 -7.29 -20.81
C LYS A 395 3.40 -8.75 -20.42
N GLU A 396 3.87 -9.67 -21.26
CA GLU A 396 3.75 -11.08 -20.97
C GLU A 396 4.74 -11.49 -19.88
N LEU A 397 5.84 -10.74 -19.78
CA LEU A 397 6.88 -11.03 -18.80
C LEU A 397 6.38 -10.91 -17.37
N TYR A 398 5.69 -9.81 -17.07
CA TYR A 398 5.16 -9.56 -15.73
C TYR A 398 4.15 -10.62 -15.33
N THR A 399 3.31 -11.01 -16.27
CA THR A 399 2.32 -12.05 -16.05
C THR A 399 3.01 -13.39 -15.81
N LYS A 400 4.13 -13.60 -16.52
CA LYS A 400 4.91 -14.82 -16.38
C LYS A 400 5.60 -14.89 -15.03
N LEU A 401 6.17 -13.78 -14.59
CA LEU A 401 6.87 -13.72 -13.31
C LEU A 401 5.96 -14.09 -12.14
N ALA A 402 4.76 -13.52 -12.13
CA ALA A 402 3.80 -13.79 -11.06
C ALA A 402 3.38 -15.26 -11.08
N THR A 403 3.30 -15.84 -12.27
CA THR A 403 2.88 -17.23 -12.42
C THR A 403 3.94 -18.17 -11.86
N MET A 404 5.21 -17.81 -12.04
CA MET A 404 6.31 -18.60 -11.51
C MET A 404 6.30 -18.58 -9.99
N ALA A 405 5.88 -17.44 -9.42
CA ALA A 405 5.83 -17.29 -7.98
C ALA A 405 4.59 -17.95 -7.40
N ALA A 406 3.53 -18.00 -8.20
CA ALA A 406 2.25 -18.53 -7.74
C ALA A 406 2.18 -20.05 -7.84
N PHE A 407 3.02 -20.62 -8.70
CA PHE A 407 2.96 -22.05 -8.99
C PHE A 407 4.29 -22.75 -8.80
N PRO A 408 4.26 -24.09 -8.63
CA PRO A 408 5.46 -24.92 -8.61
C PRO A 408 6.36 -24.65 -9.81
N HIS A 409 7.66 -24.84 -9.67
CA HIS A 409 8.26 -25.38 -8.46
C HIS A 409 8.72 -24.28 -7.51
#